data_7JZG
#
_entry.id   7JZG
#
_cell.length_a   121.189
_cell.length_b   121.189
_cell.length_c   110.162
_cell.angle_alpha   90.00
_cell.angle_beta   90.00
_cell.angle_gamma   120.00
#
_symmetry.space_group_name_H-M   'P 31 2 1'
#
loop_
_entity.id
_entity.type
_entity.pdbx_description
1 polymer '4-hydroxy-tetrahydrodipicolinate synthase'
2 non-polymer 'POTASSIUM ION'
3 non-polymer LYSINE
4 non-polymer GLYCEROL
5 water water
#
_entity_poly.entity_id   1
_entity_poly.type   'polypeptide(L)'
_entity_poly.pdbx_seq_one_letter_code
;MFTGSIVAIVTPMDEKGNVCRASLKKLIDYHVASGTSAIVSVGTTGEFATLNHDEHADVVMMTLDLADGRIPVIAGTGAN
ATAEAISLTQRFNDSGIVGCLTVTPYYNRPSQEGLYQHFKAIAEHTDLPQILYNVPSRTGCDLLPETVGRLAKVKNIIGI
(KPI)EATGNLTRVNQIKELVSDDFVLLSGDDASALDFMQLGGHGVISVTANVAARDMAQMCKLAAEGHFAEARVINQRL
MPLHNKLFVEPNPIPVKWACKELGLVATDTLRLPMTPITDSGRETVRAALKHAGLL
;
_entity_poly.pdbx_strand_id   A,B
#
loop_
_chem_comp.id
_chem_comp.type
_chem_comp.name
_chem_comp.formula
GOL non-polymer GLYCEROL 'C3 H8 O3'
K non-polymer 'POTASSIUM ION' 'K 1'
#
# COMPACT_ATOMS: atom_id res chain seq x y z
N MET A 1 -28.04 5.73 -1.87
CA MET A 1 -28.07 4.32 -1.36
C MET A 1 -26.73 4.21 -0.63
N PHE A 2 -26.78 3.91 0.67
CA PHE A 2 -25.62 3.27 1.33
C PHE A 2 -26.03 1.96 2.00
N THR A 3 -26.97 1.20 1.35
CA THR A 3 -27.58 -0.04 1.78
CA THR A 3 -27.43 -0.09 1.79
C THR A 3 -27.66 -0.96 0.58
N GLY A 4 -27.88 -2.28 0.78
CA GLY A 4 -28.17 -3.21 -0.27
C GLY A 4 -26.89 -3.56 -1.01
N SER A 5 -27.05 -3.98 -2.28
CA SER A 5 -25.98 -4.51 -3.12
C SER A 5 -25.32 -3.36 -3.86
N ILE A 6 -24.08 -2.99 -3.47
CA ILE A 6 -23.37 -1.87 -4.06
C ILE A 6 -22.23 -2.47 -4.83
N VAL A 7 -22.10 -2.16 -6.14
CA VAL A 7 -21.07 -2.80 -6.91
C VAL A 7 -19.79 -1.93 -6.84
N ALA A 8 -18.65 -2.62 -6.61
CA ALA A 8 -17.32 -1.99 -6.79
C ALA A 8 -17.00 -2.27 -8.23
N ILE A 9 -17.37 -1.33 -9.08
CA ILE A 9 -17.36 -1.64 -10.48
C ILE A 9 -15.97 -1.65 -11.09
N VAL A 10 -15.75 -2.55 -12.02
CA VAL A 10 -14.55 -2.56 -12.78
C VAL A 10 -14.38 -1.28 -13.58
N THR A 11 -13.16 -0.90 -13.86
CA THR A 11 -12.88 0.20 -14.79
C THR A 11 -12.54 -0.48 -16.13
N PRO A 12 -13.52 -0.70 -17.02
CA PRO A 12 -13.22 -1.44 -18.20
C PRO A 12 -12.28 -0.65 -19.11
N MET A 13 -11.37 -1.38 -19.73
CA MET A 13 -10.36 -0.74 -20.56
C MET A 13 -10.40 -1.27 -21.97
N ASP A 14 -9.86 -0.44 -22.90
CA ASP A 14 -9.49 -0.96 -24.19
C ASP A 14 -8.16 -1.66 -24.17
N GLU A 15 -7.72 -2.16 -25.32
CA GLU A 15 -6.45 -2.87 -25.33
C GLU A 15 -5.22 -2.04 -24.96
N LYS A 16 -5.31 -0.74 -25.10
CA LYS A 16 -4.29 0.19 -24.65
C LYS A 16 -4.27 0.52 -23.19
N GLY A 17 -5.25 0.06 -22.42
CA GLY A 17 -5.26 0.31 -21.02
C GLY A 17 -5.96 1.57 -20.62
N ASN A 18 -6.77 2.19 -21.51
CA ASN A 18 -7.53 3.37 -21.16
C ASN A 18 -9.01 3.05 -21.03
N VAL A 19 -9.76 3.89 -20.31
CA VAL A 19 -11.16 3.59 -20.03
C VAL A 19 -11.97 3.46 -21.35
N CYS A 20 -12.79 2.42 -21.41
CA CYS A 20 -13.62 2.12 -22.57
C CYS A 20 -15.04 2.63 -22.26
N ARG A 21 -15.44 3.71 -22.94
CA ARG A 21 -16.70 4.35 -22.61
C ARG A 21 -17.89 3.44 -22.91
N ALA A 22 -17.83 2.73 -24.05
CA ALA A 22 -18.96 1.89 -24.48
C ALA A 22 -19.19 0.73 -23.49
N SER A 23 -18.06 0.18 -23.02
CA SER A 23 -18.12 -0.83 -21.96
C SER A 23 -18.62 -0.34 -20.65
N LEU A 24 -18.19 0.83 -20.19
CA LEU A 24 -18.68 1.43 -18.99
C LEU A 24 -20.20 1.69 -19.06
N LYS A 25 -20.62 2.24 -20.19
CA LYS A 25 -22.03 2.44 -20.40
C LYS A 25 -22.82 1.12 -20.30
N LYS A 26 -22.36 0.04 -20.93
CA LYS A 26 -23.03 -1.22 -20.90
C LYS A 26 -23.16 -1.76 -19.41
N LEU A 27 -22.03 -1.71 -18.69
CA LEU A 27 -22.07 -2.01 -17.27
C LEU A 27 -23.03 -1.21 -16.48
N ILE A 28 -23.06 0.06 -16.65
CA ILE A 28 -23.87 0.90 -15.82
C ILE A 28 -25.38 0.58 -16.15
N ASP A 29 -25.69 0.49 -17.44
CA ASP A 29 -27.07 0.13 -17.81
C ASP A 29 -27.50 -1.21 -17.19
N TYR A 30 -26.56 -2.16 -17.18
CA TYR A 30 -26.69 -3.49 -16.55
C TYR A 30 -27.04 -3.37 -15.06
N HIS A 31 -26.39 -2.51 -14.34
CA HIS A 31 -26.64 -2.34 -12.92
C HIS A 31 -27.96 -1.61 -12.70
N VAL A 32 -28.29 -0.67 -13.58
CA VAL A 32 -29.60 -0.02 -13.44
C VAL A 32 -30.69 -1.08 -13.61
N ALA A 33 -30.57 -1.89 -14.64
CA ALA A 33 -31.56 -2.94 -14.99
C ALA A 33 -31.66 -3.99 -13.90
N SER A 34 -30.54 -4.27 -13.26
CA SER A 34 -30.42 -5.36 -12.30
C SER A 34 -30.90 -5.09 -10.88
N GLY A 35 -31.07 -3.84 -10.50
CA GLY A 35 -31.47 -3.51 -9.14
C GLY A 35 -30.31 -3.24 -8.17
N THR A 36 -29.09 -3.12 -8.75
CA THR A 36 -27.95 -2.62 -7.91
C THR A 36 -28.25 -1.32 -7.22
N SER A 37 -27.95 -1.13 -5.95
CA SER A 37 -28.25 0.06 -5.18
C SER A 37 -27.44 1.26 -5.43
N ALA A 38 -26.13 1.05 -5.73
CA ALA A 38 -25.17 2.14 -5.94
C ALA A 38 -23.94 1.51 -6.59
N ILE A 39 -23.18 2.42 -7.15
CA ILE A 39 -21.91 2.11 -7.80
C ILE A 39 -20.75 2.80 -7.07
N VAL A 40 -19.74 2.00 -6.68
CA VAL A 40 -18.50 2.58 -6.22
C VAL A 40 -17.56 2.60 -7.42
N SER A 41 -17.16 3.80 -7.78
CA SER A 41 -16.36 4.07 -8.97
C SER A 41 -14.88 4.25 -8.46
N VAL A 42 -14.01 3.48 -9.07
CA VAL A 42 -12.52 3.50 -8.87
C VAL A 42 -12.24 3.20 -7.38
N GLY A 43 -12.90 2.15 -6.85
CA GLY A 43 -12.39 1.43 -5.65
C GLY A 43 -11.26 0.49 -6.03
N THR A 44 -11.00 -0.44 -5.12
CA THR A 44 -9.95 -1.46 -5.38
C THR A 44 -10.18 -2.23 -6.67
N THR A 45 -11.41 -2.69 -6.86
CA THR A 45 -11.78 -3.50 -8.07
C THR A 45 -11.73 -2.64 -9.34
N GLY A 46 -11.84 -1.34 -9.16
CA GLY A 46 -11.70 -0.33 -10.22
C GLY A 46 -10.29 0.10 -10.53
N GLU A 47 -9.29 -0.54 -9.93
CA GLU A 47 -7.93 -0.22 -10.26
C GLU A 47 -7.47 1.18 -9.85
N PHE A 48 -7.90 1.64 -8.69
CA PHE A 48 -7.39 2.90 -8.25
C PHE A 48 -5.89 3.05 -8.18
N ALA A 49 -5.21 1.97 -7.87
CA ALA A 49 -3.73 2.11 -7.77
C ALA A 49 -3.02 2.43 -9.08
N THR A 50 -3.59 2.01 -10.20
CA THR A 50 -2.87 2.26 -11.45
C THR A 50 -3.45 3.36 -12.39
N LEU A 51 -4.41 4.13 -11.90
CA LEU A 51 -4.87 5.33 -12.58
C LEU A 51 -4.19 6.47 -11.92
N ASN A 52 -3.74 7.45 -12.72
CA ASN A 52 -3.34 8.74 -12.13
C ASN A 52 -4.53 9.49 -11.65
N HIS A 53 -4.30 10.57 -10.88
CA HIS A 53 -5.44 11.27 -10.26
CA HIS A 53 -5.40 11.28 -10.25
C HIS A 53 -6.36 11.86 -11.32
N ASP A 54 -5.78 12.35 -12.41
CA ASP A 54 -6.68 12.86 -13.49
C ASP A 54 -7.50 11.80 -14.16
N GLU A 55 -6.84 10.68 -14.46
CA GLU A 55 -7.53 9.50 -15.04
C GLU A 55 -8.64 8.96 -14.12
N HIS A 56 -8.36 8.96 -12.84
CA HIS A 56 -9.29 8.47 -11.78
C HIS A 56 -10.50 9.39 -11.78
N ALA A 57 -10.22 10.70 -11.78
CA ALA A 57 -11.32 11.66 -11.77
C ALA A 57 -12.15 11.52 -13.06
N ASP A 58 -11.49 11.33 -14.19
CA ASP A 58 -12.21 11.19 -15.47
C ASP A 58 -13.16 10.00 -15.42
N VAL A 59 -12.73 8.84 -14.84
CA VAL A 59 -13.56 7.69 -14.80
C VAL A 59 -14.77 7.97 -13.90
N VAL A 60 -14.54 8.59 -12.74
CA VAL A 60 -15.62 8.90 -11.81
C VAL A 60 -16.65 9.80 -12.52
N MET A 61 -16.14 10.82 -13.16
CA MET A 61 -17.05 11.75 -13.81
C MET A 61 -17.77 11.16 -15.00
N MET A 62 -17.15 10.25 -15.72
CA MET A 62 -17.78 9.55 -16.78
C MET A 62 -18.84 8.63 -16.25
N THR A 63 -18.58 7.95 -15.13
CA THR A 63 -19.50 7.04 -14.57
C THR A 63 -20.73 7.87 -14.10
N LEU A 64 -20.50 9.02 -13.48
CA LEU A 64 -21.61 9.85 -13.04
C LEU A 64 -22.47 10.29 -14.24
N ASP A 65 -21.80 10.74 -15.29
CA ASP A 65 -22.51 11.13 -16.55
C ASP A 65 -23.35 10.05 -17.15
N LEU A 66 -22.80 8.85 -17.26
CA LEU A 66 -23.46 7.73 -17.72
C LEU A 66 -24.60 7.19 -16.84
N ALA A 67 -24.46 7.32 -15.53
CA ALA A 67 -25.48 6.89 -14.62
C ALA A 67 -26.77 7.76 -14.92
N ASP A 68 -26.53 9.02 -15.19
CA ASP A 68 -27.56 10.01 -15.66
C ASP A 68 -28.70 10.12 -14.64
N GLY A 69 -28.30 10.17 -13.40
CA GLY A 69 -29.20 10.12 -12.29
C GLY A 69 -30.01 8.90 -12.01
N ARG A 70 -29.78 7.79 -12.64
CA ARG A 70 -30.52 6.63 -12.44
C ARG A 70 -30.09 5.76 -11.24
N ILE A 71 -28.83 5.96 -10.86
CA ILE A 71 -28.17 5.08 -9.82
C ILE A 71 -27.11 5.96 -9.15
N PRO A 72 -27.00 5.94 -7.82
CA PRO A 72 -26.09 6.82 -7.14
C PRO A 72 -24.68 6.28 -7.31
N VAL A 73 -23.76 7.22 -7.34
CA VAL A 73 -22.33 6.94 -7.60
C VAL A 73 -21.54 7.44 -6.41
N ILE A 74 -20.75 6.49 -5.84
CA ILE A 74 -19.82 6.84 -4.70
C ILE A 74 -18.38 6.83 -5.30
N ALA A 75 -17.59 7.84 -5.08
CA ALA A 75 -16.27 7.90 -5.62
C ALA A 75 -15.28 7.25 -4.61
N GLY A 76 -14.38 6.47 -5.16
CA GLY A 76 -13.12 6.06 -4.42
C GLY A 76 -12.28 7.27 -4.24
N THR A 77 -11.89 7.65 -3.00
CA THR A 77 -11.10 8.81 -2.82
C THR A 77 -9.93 8.56 -1.82
N GLY A 78 -9.60 7.33 -1.62
CA GLY A 78 -8.52 7.04 -0.64
C GLY A 78 -7.15 7.43 -1.16
N ALA A 79 -6.25 7.63 -0.18
CA ALA A 79 -4.82 7.85 -0.49
C ALA A 79 -4.05 7.53 0.76
N ASN A 80 -2.76 7.26 0.63
CA ASN A 80 -1.98 7.03 1.85
C ASN A 80 -1.29 8.26 2.34
N ALA A 81 -1.45 9.42 1.69
CA ALA A 81 -1.00 10.68 2.23
C ALA A 81 -2.28 11.55 2.39
N THR A 82 -2.45 12.16 3.56
CA THR A 82 -3.65 12.88 3.88
C THR A 82 -3.88 14.02 2.87
N ALA A 83 -2.80 14.74 2.57
CA ALA A 83 -2.90 15.87 1.59
C ALA A 83 -3.44 15.40 0.30
N GLU A 84 -3.01 14.23 -0.19
CA GLU A 84 -3.46 13.69 -1.41
C GLU A 84 -4.89 13.23 -1.38
N ALA A 85 -5.31 12.64 -0.25
CA ALA A 85 -6.72 12.23 -0.10
C ALA A 85 -7.65 13.48 -0.12
N ILE A 86 -7.21 14.54 0.56
CA ILE A 86 -7.97 15.81 0.57
C ILE A 86 -8.08 16.35 -0.85
N SER A 87 -6.98 16.41 -1.60
CA SER A 87 -7.00 16.84 -3.01
CA SER A 87 -7.07 16.89 -2.98
C SER A 87 -7.96 16.05 -3.86
N LEU A 88 -7.92 14.72 -3.76
CA LEU A 88 -8.79 13.92 -4.50
C LEU A 88 -10.25 14.12 -4.15
N THR A 89 -10.56 14.23 -2.86
CA THR A 89 -11.90 14.43 -2.43
C THR A 89 -12.42 15.80 -3.01
N GLN A 90 -11.58 16.79 -2.92
CA GLN A 90 -11.97 18.14 -3.38
C GLN A 90 -12.33 18.13 -4.86
N ARG A 91 -11.73 17.26 -5.68
CA ARG A 91 -12.15 17.14 -7.05
C ARG A 91 -13.60 16.82 -7.21
N PHE A 92 -14.23 16.10 -6.28
CA PHE A 92 -15.59 15.66 -6.42
C PHE A 92 -16.63 16.54 -5.67
N ASN A 93 -16.18 17.55 -4.94
CA ASN A 93 -17.07 18.43 -4.18
C ASN A 93 -18.03 19.08 -5.24
N ASP A 94 -19.32 19.06 -4.92
CA ASP A 94 -20.39 19.62 -5.76
C ASP A 94 -20.42 19.02 -7.21
N SER A 95 -20.18 17.71 -7.35
CA SER A 95 -20.12 17.03 -8.61
C SER A 95 -21.36 16.24 -8.98
N GLY A 96 -22.16 15.88 -8.00
CA GLY A 96 -23.21 14.88 -8.21
C GLY A 96 -22.97 13.51 -7.52
N ILE A 97 -21.72 13.23 -7.16
CA ILE A 97 -21.50 11.96 -6.41
CA ILE A 97 -21.39 12.08 -6.42
C ILE A 97 -22.17 12.11 -5.07
N VAL A 98 -22.61 10.98 -4.56
CA VAL A 98 -23.35 10.94 -3.31
C VAL A 98 -22.51 10.76 -2.05
N GLY A 99 -21.28 10.34 -2.25
CA GLY A 99 -20.38 10.12 -1.08
C GLY A 99 -19.07 9.56 -1.57
N CYS A 100 -18.21 9.25 -0.62
CA CYS A 100 -16.84 8.84 -0.93
C CYS A 100 -16.47 7.59 -0.20
N LEU A 101 -15.68 6.74 -0.84
CA LEU A 101 -15.16 5.48 -0.18
C LEU A 101 -13.66 5.75 0.00
N THR A 102 -13.18 5.79 1.26
CA THR A 102 -11.82 6.24 1.55
C THR A 102 -11.05 5.19 2.40
N VAL A 103 -10.08 4.56 1.77
CA VAL A 103 -9.34 3.46 2.41
C VAL A 103 -8.33 3.98 3.41
N THR A 104 -8.09 3.16 4.44
CA THR A 104 -7.01 3.49 5.36
C THR A 104 -5.69 3.59 4.60
N PRO A 105 -4.88 4.53 4.93
CA PRO A 105 -3.55 4.59 4.31
C PRO A 105 -2.85 3.25 4.30
N TYR A 106 -2.26 2.98 3.16
CA TYR A 106 -1.56 1.79 2.83
C TYR A 106 -0.04 2.05 2.82
N TYR A 107 0.69 1.00 3.14
CA TYR A 107 2.12 0.97 3.14
C TYR A 107 2.81 1.66 4.33
N ASN A 108 2.41 2.90 4.68
CA ASN A 108 3.07 3.62 5.71
C ASN A 108 2.64 3.25 7.14
N ARG A 109 1.61 2.42 7.30
CA ARG A 109 1.21 1.80 8.58
C ARG A 109 1.07 2.81 9.73
N PRO A 110 0.22 3.82 9.56
CA PRO A 110 -0.02 4.76 10.68
C PRO A 110 -0.63 4.10 11.89
N SER A 111 -0.48 4.80 13.01
CA SER A 111 -1.11 4.39 14.23
C SER A 111 -2.63 4.63 14.20
N GLN A 112 -3.31 4.19 15.25
CA GLN A 112 -4.75 4.49 15.27
C GLN A 112 -4.96 6.00 15.37
N GLU A 113 -4.12 6.68 16.11
CA GLU A 113 -4.20 8.15 16.23
C GLU A 113 -4.01 8.78 14.86
N GLY A 114 -3.04 8.27 14.13
CA GLY A 114 -2.84 8.70 12.73
C GLY A 114 -4.05 8.48 11.84
N LEU A 115 -4.66 7.32 11.94
CA LEU A 115 -5.88 7.05 11.18
C LEU A 115 -6.98 8.05 11.56
N TYR A 116 -7.13 8.32 12.86
CA TYR A 116 -8.12 9.29 13.31
C TYR A 116 -7.82 10.64 12.69
N GLN A 117 -6.61 11.12 12.77
CA GLN A 117 -6.31 12.39 12.20
C GLN A 117 -6.46 12.48 10.67
N HIS A 118 -6.07 11.43 10.02
CA HIS A 118 -6.21 11.34 8.54
C HIS A 118 -7.66 11.47 8.11
N PHE A 119 -8.53 10.65 8.68
CA PHE A 119 -9.96 10.65 8.21
C PHE A 119 -10.67 11.92 8.70
N LYS A 120 -10.34 12.38 9.90
CA LYS A 120 -10.89 13.63 10.40
C LYS A 120 -10.56 14.82 9.49
N ALA A 121 -9.28 14.97 9.10
CA ALA A 121 -8.89 16.03 8.20
C ALA A 121 -9.61 15.91 6.86
N ILE A 122 -9.74 14.69 6.30
CA ILE A 122 -10.43 14.53 5.00
C ILE A 122 -11.90 14.99 5.18
N ALA A 123 -12.56 14.50 6.23
CA ALA A 123 -13.99 14.84 6.45
C ALA A 123 -14.19 16.34 6.59
N GLU A 124 -13.24 17.01 7.20
CA GLU A 124 -13.32 18.45 7.44
C GLU A 124 -13.24 19.26 6.16
N HIS A 125 -12.77 18.68 5.07
CA HIS A 125 -12.59 19.41 3.81
C HIS A 125 -13.62 19.09 2.76
N THR A 126 -14.75 18.50 3.15
CA THR A 126 -15.83 18.19 2.27
C THR A 126 -17.13 18.21 3.04
N ASP A 127 -18.25 18.39 2.32
CA ASP A 127 -19.57 18.10 2.88
C ASP A 127 -20.07 16.76 2.50
N LEU A 128 -19.33 16.03 1.65
CA LEU A 128 -19.77 14.71 1.22
C LEU A 128 -19.69 13.64 2.35
N PRO A 129 -20.70 12.75 2.42
CA PRO A 129 -20.66 11.58 3.28
C PRO A 129 -19.42 10.71 2.96
N GLN A 130 -18.77 10.22 4.02
CA GLN A 130 -17.54 9.39 3.95
C GLN A 130 -17.82 8.03 4.45
N ILE A 131 -17.45 7.00 3.67
CA ILE A 131 -17.46 5.62 4.06
C ILE A 131 -16.00 5.17 4.25
N LEU A 132 -15.62 4.86 5.48
CA LEU A 132 -14.28 4.35 5.76
C LEU A 132 -14.12 2.99 5.16
N TYR A 133 -12.88 2.60 4.79
CA TYR A 133 -12.66 1.33 4.23
C TYR A 133 -11.44 0.70 4.88
N ASN A 134 -11.65 -0.47 5.49
CA ASN A 134 -10.61 -1.24 6.20
C ASN A 134 -10.38 -2.51 5.51
N VAL A 135 -9.14 -2.74 5.10
CA VAL A 135 -8.80 -3.94 4.32
C VAL A 135 -7.31 -4.25 4.64
N PRO A 136 -7.08 -4.77 5.83
CA PRO A 136 -5.69 -4.93 6.25
C PRO A 136 -4.83 -5.80 5.43
N SER A 137 -5.37 -6.80 4.78
CA SER A 137 -4.59 -7.65 3.88
C SER A 137 -3.88 -6.89 2.78
N ARG A 138 -4.45 -5.78 2.36
CA ARG A 138 -3.85 -4.93 1.35
C ARG A 138 -3.03 -3.74 1.88
N THR A 139 -3.34 -3.21 3.07
CA THR A 139 -2.80 -1.96 3.51
C THR A 139 -1.71 -2.05 4.55
N GLY A 140 -1.64 -3.20 5.25
CA GLY A 140 -0.77 -3.37 6.40
C GLY A 140 -1.21 -2.60 7.66
N CYS A 141 -2.47 -2.09 7.66
CA CYS A 141 -2.95 -1.50 8.92
CA CYS A 141 -3.04 -1.27 8.76
C CYS A 141 -4.40 -1.89 9.10
N ASP A 142 -4.84 -1.83 10.35
CA ASP A 142 -6.19 -2.32 10.71
C ASP A 142 -6.85 -1.25 11.55
N LEU A 143 -7.90 -0.66 10.98
CA LEU A 143 -8.70 0.39 11.67
C LEU A 143 -9.63 -0.34 12.64
N LEU A 144 -9.26 -0.27 13.92
CA LEU A 144 -9.99 -1.06 14.90
C LEU A 144 -11.36 -0.39 15.31
N PRO A 145 -12.28 -1.19 15.80
CA PRO A 145 -13.61 -0.63 16.22
C PRO A 145 -13.55 0.55 17.09
N GLU A 146 -12.61 0.59 18.07
CA GLU A 146 -12.57 1.79 18.87
C GLU A 146 -12.34 3.10 18.13
N THR A 147 -11.44 3.08 17.15
CA THR A 147 -11.19 4.19 16.34
C THR A 147 -12.34 4.52 15.36
N VAL A 148 -12.97 3.52 14.87
CA VAL A 148 -14.21 3.69 14.04
C VAL A 148 -15.27 4.46 14.90
N GLY A 149 -15.43 4.07 16.14
CA GLY A 149 -16.29 4.88 17.12
C GLY A 149 -15.91 6.25 17.29
N ARG A 150 -14.60 6.59 17.38
CA ARG A 150 -14.14 7.93 17.51
C ARG A 150 -14.45 8.72 16.23
N LEU A 151 -14.29 8.04 15.09
CA LEU A 151 -14.51 8.71 13.84
C LEU A 151 -16.01 8.92 13.52
N ALA A 152 -16.82 7.99 13.97
CA ALA A 152 -18.27 8.03 13.69
C ALA A 152 -18.87 9.29 14.37
N LYS A 153 -18.18 9.90 15.31
CA LYS A 153 -18.58 11.20 15.92
C LYS A 153 -18.48 12.40 15.00
N VAL A 154 -17.66 12.30 13.95
CA VAL A 154 -17.56 13.33 12.96
C VAL A 154 -18.78 13.28 12.06
N LYS A 155 -19.43 14.46 11.88
CA LYS A 155 -20.79 14.47 11.28
C LYS A 155 -20.94 13.68 9.96
N ASN A 156 -20.00 13.91 9.04
CA ASN A 156 -20.12 13.31 7.75
C ASN A 156 -19.34 11.99 7.58
N ILE A 157 -18.83 11.44 8.68
CA ILE A 157 -18.39 10.01 8.61
C ILE A 157 -19.49 9.14 8.93
N ILE A 158 -20.00 8.42 7.96
CA ILE A 158 -21.32 7.75 8.06
C ILE A 158 -21.40 6.29 7.92
N GLY A 159 -20.27 5.65 7.65
CA GLY A 159 -20.27 4.23 7.57
C GLY A 159 -18.83 3.64 7.34
N ILE A 160 -18.84 2.37 7.18
CA ILE A 160 -17.62 1.57 6.92
C ILE A 160 -17.80 0.43 6.07
N KPI A 161 -16.82 0.24 5.13
CA KPI A 161 -16.72 -0.94 4.34
CB KPI A 161 -16.20 -0.66 2.89
CG KPI A 161 -16.04 -1.88 2.03
CD KPI A 161 -15.45 -1.47 0.66
CE KPI A 161 -15.18 -2.66 -0.21
NZ KPI A 161 -14.55 -2.23 -1.51
CX1 KPI A 161 -14.32 -2.95 -2.55
C1 KPI A 161 -14.94 -4.27 -2.69
CX2 KPI A 161 -13.49 -2.37 -3.67
O1 KPI A 161 -13.11 -1.16 -3.49
O2 KPI A 161 -13.13 -3.12 -4.63
C KPI A 161 -15.67 -1.83 5.06
O KPI A 161 -14.48 -1.46 5.10
N GLU A 162 -16.13 -2.93 5.65
CA GLU A 162 -15.31 -3.79 6.59
C GLU A 162 -14.96 -4.99 5.80
N ALA A 163 -13.67 -5.03 5.39
CA ALA A 163 -13.18 -6.07 4.47
C ALA A 163 -12.18 -6.95 5.20
N THR A 164 -12.25 -7.05 6.52
CA THR A 164 -11.42 -8.07 7.15
C THR A 164 -11.86 -9.48 6.94
N GLY A 165 -13.13 -9.76 6.70
CA GLY A 165 -13.66 -11.06 6.80
C GLY A 165 -13.80 -11.57 8.25
N ASN A 166 -13.60 -10.68 9.20
CA ASN A 166 -13.70 -11.07 10.60
C ASN A 166 -15.08 -10.59 11.09
N LEU A 167 -15.98 -11.51 11.10
CA LEU A 167 -17.37 -11.16 11.42
C LEU A 167 -17.62 -10.66 12.81
N THR A 168 -16.65 -10.81 13.78
CA THR A 168 -16.84 -10.21 15.05
C THR A 168 -16.84 -8.74 15.05
N ARG A 169 -16.27 -8.15 13.96
CA ARG A 169 -16.28 -6.75 13.88
C ARG A 169 -17.69 -6.08 13.77
N VAL A 170 -18.67 -6.79 13.25
CA VAL A 170 -19.94 -6.18 12.97
C VAL A 170 -20.53 -5.60 14.28
N ASN A 171 -20.66 -6.45 15.29
CA ASN A 171 -21.20 -5.98 16.54
C ASN A 171 -20.26 -5.22 17.44
N GLN A 172 -18.93 -5.41 17.32
CA GLN A 172 -18.06 -4.55 17.97
C GLN A 172 -18.19 -3.08 17.58
N ILE A 173 -18.31 -2.85 16.25
CA ILE A 173 -18.48 -1.55 15.70
C ILE A 173 -19.94 -1.03 16.04
N LYS A 174 -20.90 -1.88 15.86
CA LYS A 174 -22.30 -1.43 16.00
C LYS A 174 -22.55 -0.90 17.41
N GLU A 175 -21.85 -1.44 18.40
CA GLU A 175 -22.11 -1.00 19.78
C GLU A 175 -21.49 0.28 20.10
N LEU A 176 -20.56 0.77 19.26
CA LEU A 176 -19.87 2.03 19.47
C LEU A 176 -20.32 3.23 18.64
N VAL A 177 -21.27 3.00 17.75
CA VAL A 177 -21.72 4.00 16.85
C VAL A 177 -23.23 4.13 16.95
N SER A 178 -23.71 5.22 16.39
CA SER A 178 -25.15 5.46 16.37
C SER A 178 -25.83 4.51 15.42
N ASP A 179 -27.15 4.39 15.63
CA ASP A 179 -28.00 3.53 14.88
C ASP A 179 -28.02 3.91 13.35
N ASP A 180 -27.67 5.11 12.97
CA ASP A 180 -27.74 5.48 11.57
C ASP A 180 -26.36 5.22 10.84
N PHE A 181 -25.35 4.75 11.60
CA PHE A 181 -24.03 4.43 10.96
C PHE A 181 -24.16 3.16 10.18
N VAL A 182 -23.69 3.15 8.92
CA VAL A 182 -23.86 2.10 8.04
CA VAL A 182 -23.90 1.96 8.10
C VAL A 182 -22.67 1.07 8.11
N LEU A 183 -22.97 -0.19 8.16
CA LEU A 183 -22.01 -1.29 8.16
C LEU A 183 -22.18 -2.05 6.90
N LEU A 184 -21.14 -2.01 6.05
CA LEU A 184 -21.13 -2.70 4.81
C LEU A 184 -19.98 -3.72 4.72
N SER A 185 -20.27 -4.91 4.26
CA SER A 185 -19.28 -5.93 4.00
C SER A 185 -18.42 -5.51 2.83
N GLY A 186 -17.10 -5.71 2.97
CA GLY A 186 -16.16 -5.68 1.82
C GLY A 186 -15.62 -6.99 1.39
N ASP A 187 -16.26 -8.10 1.80
CA ASP A 187 -15.78 -9.42 1.62
C ASP A 187 -16.95 -10.30 1.13
N ASP A 188 -17.02 -10.57 -0.19
CA ASP A 188 -18.25 -11.17 -0.68
C ASP A 188 -18.53 -12.54 -0.03
N ALA A 189 -17.50 -13.35 0.18
CA ALA A 189 -17.72 -14.71 0.70
C ALA A 189 -18.39 -14.72 2.10
N SER A 190 -18.17 -13.69 2.89
CA SER A 190 -18.83 -13.55 4.23
C SER A 190 -19.91 -12.57 4.34
N ALA A 191 -20.32 -11.97 3.19
CA ALA A 191 -21.18 -10.83 3.28
C ALA A 191 -22.62 -11.17 3.79
N LEU A 192 -23.12 -12.28 3.40
CA LEU A 192 -24.49 -12.72 3.85
C LEU A 192 -24.45 -12.89 5.38
N ASP A 193 -23.42 -13.58 5.86
CA ASP A 193 -23.19 -13.67 7.32
C ASP A 193 -23.09 -12.33 7.95
N PHE A 194 -22.35 -11.35 7.33
CA PHE A 194 -22.18 -10.01 7.83
C PHE A 194 -23.54 -9.26 8.00
N MET A 195 -24.37 -9.42 6.94
CA MET A 195 -25.77 -8.87 7.06
C MET A 195 -26.63 -9.60 8.13
N GLN A 196 -26.46 -10.87 8.26
CA GLN A 196 -27.17 -11.61 9.28
C GLN A 196 -26.88 -11.12 10.68
N LEU A 197 -25.67 -10.71 10.93
CA LEU A 197 -25.25 -10.10 12.20
C LEU A 197 -25.63 -8.70 12.45
N GLY A 198 -26.17 -7.99 11.43
CA GLY A 198 -26.60 -6.63 11.56
C GLY A 198 -26.13 -5.63 10.47
N GLY A 199 -25.29 -6.13 9.55
CA GLY A 199 -24.73 -5.23 8.53
C GLY A 199 -25.91 -4.85 7.60
N HIS A 200 -25.65 -3.79 6.85
CA HIS A 200 -26.69 -3.14 6.04
C HIS A 200 -26.57 -3.35 4.55
N GLY A 201 -25.51 -4.03 4.10
CA GLY A 201 -25.29 -4.33 2.69
C GLY A 201 -23.87 -4.76 2.46
N VAL A 202 -23.50 -4.75 1.18
CA VAL A 202 -22.17 -5.18 0.75
C VAL A 202 -21.68 -4.28 -0.37
N ILE A 203 -20.40 -3.94 -0.35
CA ILE A 203 -19.74 -3.35 -1.52
C ILE A 203 -19.04 -4.48 -2.15
N SER A 204 -19.52 -4.94 -3.29
CA SER A 204 -19.30 -6.25 -3.79
C SER A 204 -18.46 -6.32 -5.10
N VAL A 205 -17.60 -7.32 -5.19
CA VAL A 205 -16.92 -7.69 -6.41
C VAL A 205 -17.81 -8.58 -7.29
N THR A 206 -18.47 -9.53 -6.65
CA THR A 206 -19.35 -10.44 -7.28
C THR A 206 -20.53 -9.78 -8.04
N ALA A 207 -21.01 -8.69 -7.52
CA ALA A 207 -22.12 -7.95 -8.16
C ALA A 207 -21.74 -7.49 -9.52
N ASN A 208 -20.45 -7.46 -9.86
CA ASN A 208 -20.11 -7.01 -11.24
C ASN A 208 -20.68 -7.91 -12.29
N VAL A 209 -20.84 -9.22 -11.97
CA VAL A 209 -21.23 -10.27 -12.90
C VAL A 209 -22.52 -11.01 -12.46
N ALA A 210 -22.99 -10.76 -11.27
CA ALA A 210 -24.23 -11.46 -10.72
C ALA A 210 -25.05 -10.43 -10.11
N ALA A 211 -25.25 -9.29 -10.82
CA ALA A 211 -25.86 -8.17 -10.20
C ALA A 211 -27.30 -8.41 -9.69
N ARG A 212 -28.05 -9.12 -10.52
CA ARG A 212 -29.47 -9.36 -10.13
C ARG A 212 -29.53 -10.26 -8.84
N ASP A 213 -28.77 -11.33 -8.86
CA ASP A 213 -28.71 -12.28 -7.75
C ASP A 213 -28.26 -11.57 -6.48
N MET A 214 -27.23 -10.71 -6.57
CA MET A 214 -26.76 -9.98 -5.42
C MET A 214 -27.77 -9.04 -4.88
N ALA A 215 -28.49 -8.32 -5.78
CA ALA A 215 -29.46 -7.39 -5.32
C ALA A 215 -30.62 -8.23 -4.59
N GLN A 216 -31.00 -9.31 -5.19
CA GLN A 216 -32.14 -10.18 -4.62
C GLN A 216 -31.70 -10.74 -3.23
N MET A 217 -30.46 -11.17 -3.18
CA MET A 217 -29.89 -11.70 -1.87
C MET A 217 -29.88 -10.66 -0.83
N CYS A 218 -29.42 -9.42 -1.12
CA CYS A 218 -29.40 -8.38 -0.17
C CYS A 218 -30.82 -7.94 0.30
N LYS A 219 -31.73 -7.90 -0.63
CA LYS A 219 -33.17 -7.52 -0.29
C LYS A 219 -33.75 -8.57 0.70
N LEU A 220 -33.57 -9.82 0.42
CA LEU A 220 -34.01 -10.93 1.28
C LEU A 220 -33.38 -10.82 2.63
N ALA A 221 -32.08 -10.50 2.67
CA ALA A 221 -31.43 -10.27 3.93
C ALA A 221 -31.92 -9.14 4.71
N ALA A 222 -32.24 -8.01 4.06
CA ALA A 222 -32.71 -6.88 4.76
C ALA A 222 -34.11 -7.16 5.38
N GLU A 223 -34.80 -8.06 4.75
CA GLU A 223 -36.20 -8.41 5.16
C GLU A 223 -36.20 -9.52 6.19
N GLY A 224 -35.01 -10.08 6.51
CA GLY A 224 -34.90 -11.11 7.48
C GLY A 224 -35.13 -12.47 6.95
N HIS A 225 -35.18 -12.63 5.63
CA HIS A 225 -35.32 -13.93 5.01
C HIS A 225 -33.99 -14.63 4.69
N PHE A 226 -33.32 -15.07 5.76
CA PHE A 226 -31.97 -15.54 5.61
C PHE A 226 -31.86 -16.83 4.92
N ALA A 227 -32.78 -17.75 5.16
CA ALA A 227 -32.67 -19.01 4.51
C ALA A 227 -32.84 -18.86 3.02
N GLU A 228 -33.82 -18.02 2.58
CA GLU A 228 -33.99 -17.84 1.10
C GLU A 228 -32.69 -17.16 0.47
N ALA A 229 -32.21 -16.20 1.20
CA ALA A 229 -30.91 -15.47 0.80
C ALA A 229 -29.77 -16.44 0.70
N ARG A 230 -29.65 -17.42 1.62
CA ARG A 230 -28.59 -18.40 1.56
CA ARG A 230 -28.61 -18.44 1.53
C ARG A 230 -28.64 -19.32 0.38
N VAL A 231 -29.84 -19.62 -0.17
CA VAL A 231 -29.88 -20.40 -1.34
C VAL A 231 -29.13 -19.67 -2.49
N ILE A 232 -29.37 -18.38 -2.57
CA ILE A 232 -28.74 -17.57 -3.62
C ILE A 232 -27.22 -17.57 -3.33
N ASN A 233 -26.90 -17.30 -2.08
CA ASN A 233 -25.48 -17.31 -1.66
C ASN A 233 -24.75 -18.54 -2.04
N GLN A 234 -25.37 -19.73 -1.88
CA GLN A 234 -24.74 -20.98 -2.26
C GLN A 234 -24.48 -21.14 -3.72
N ARG A 235 -25.35 -20.58 -4.55
CA ARG A 235 -25.15 -20.65 -5.96
C ARG A 235 -23.97 -19.71 -6.37
N LEU A 236 -23.80 -18.62 -5.60
CA LEU A 236 -22.74 -17.61 -5.87
C LEU A 236 -21.44 -17.88 -5.13
N MET A 237 -21.42 -18.85 -4.21
CA MET A 237 -20.20 -19.08 -3.35
C MET A 237 -18.97 -19.39 -4.18
N PRO A 238 -19.04 -20.30 -5.16
CA PRO A 238 -17.85 -20.46 -5.94
C PRO A 238 -17.37 -19.19 -6.64
N LEU A 239 -18.26 -18.36 -7.12
CA LEU A 239 -17.80 -17.07 -7.67
C LEU A 239 -17.21 -16.22 -6.61
N HIS A 240 -17.81 -16.16 -5.42
CA HIS A 240 -17.30 -15.28 -4.37
C HIS A 240 -15.86 -15.66 -4.11
N ASN A 241 -15.57 -16.92 -4.11
CA ASN A 241 -14.20 -17.39 -3.86
C ASN A 241 -13.28 -17.31 -5.10
N LYS A 242 -13.76 -17.73 -6.27
CA LYS A 242 -12.94 -17.89 -7.43
C LYS A 242 -12.69 -16.56 -8.18
N LEU A 243 -13.43 -15.53 -7.86
CA LEU A 243 -13.06 -14.19 -8.33
C LEU A 243 -11.76 -13.69 -7.71
N PHE A 244 -11.20 -14.46 -6.72
CA PHE A 244 -9.88 -14.20 -6.16
C PHE A 244 -8.93 -15.30 -6.45
N VAL A 245 -9.17 -16.11 -7.44
CA VAL A 245 -8.25 -17.17 -7.79
C VAL A 245 -6.91 -16.63 -8.28
N GLU A 246 -6.95 -15.53 -9.00
CA GLU A 246 -5.85 -14.66 -9.27
C GLU A 246 -6.20 -13.27 -8.72
N PRO A 247 -5.23 -12.37 -8.68
CA PRO A 247 -5.51 -11.11 -7.93
C PRO A 247 -6.69 -10.29 -8.48
N ASN A 248 -7.62 -9.87 -7.63
CA ASN A 248 -8.70 -8.95 -8.02
C ASN A 248 -8.10 -7.68 -8.64
N PRO A 249 -8.58 -7.18 -9.80
CA PRO A 249 -9.75 -7.62 -10.61
C PRO A 249 -9.44 -8.41 -11.84
N ILE A 250 -8.37 -9.22 -11.84
CA ILE A 250 -8.03 -10.04 -12.98
C ILE A 250 -9.20 -11.04 -13.33
N PRO A 251 -9.72 -11.78 -12.32
CA PRO A 251 -10.82 -12.75 -12.68
C PRO A 251 -12.14 -12.06 -13.05
N VAL A 252 -12.50 -11.02 -12.33
CA VAL A 252 -13.80 -10.40 -12.55
C VAL A 252 -13.79 -9.70 -13.93
N LYS A 253 -12.67 -9.09 -14.34
CA LYS A 253 -12.62 -8.52 -15.69
C LYS A 253 -12.78 -9.56 -16.77
N TRP A 254 -12.12 -10.69 -16.59
CA TRP A 254 -12.28 -11.75 -17.56
C TRP A 254 -13.74 -12.19 -17.58
N ALA A 255 -14.35 -12.40 -16.39
CA ALA A 255 -15.74 -12.82 -16.31
C ALA A 255 -16.64 -11.84 -17.00
N CYS A 256 -16.39 -10.54 -16.85
CA CYS A 256 -17.19 -9.53 -17.54
C CYS A 256 -17.09 -9.67 -19.07
N LYS A 257 -15.88 -9.95 -19.56
CA LYS A 257 -15.66 -10.11 -20.95
C LYS A 257 -16.38 -11.35 -21.48
N GLU A 258 -16.26 -12.43 -20.72
CA GLU A 258 -16.90 -13.69 -21.11
C GLU A 258 -18.43 -13.57 -21.16
N LEU A 259 -19.00 -12.75 -20.30
CA LEU A 259 -20.45 -12.52 -20.25
C LEU A 259 -20.88 -11.48 -21.32
N GLY A 260 -19.95 -10.89 -22.05
CA GLY A 260 -20.26 -9.84 -23.04
C GLY A 260 -20.52 -8.51 -22.49
N LEU A 261 -20.24 -8.28 -21.20
CA LEU A 261 -20.46 -7.01 -20.59
C LEU A 261 -19.41 -5.95 -20.89
N VAL A 262 -18.18 -6.37 -21.19
CA VAL A 262 -17.13 -5.42 -21.55
C VAL A 262 -16.48 -5.96 -22.82
N ALA A 263 -15.81 -5.08 -23.55
CA ALA A 263 -15.15 -5.39 -24.82
C ALA A 263 -13.83 -6.14 -24.66
N THR A 264 -13.06 -5.77 -23.61
CA THR A 264 -11.78 -6.41 -23.40
C THR A 264 -11.54 -6.56 -21.87
N ASP A 265 -10.70 -7.51 -21.57
CA ASP A 265 -10.36 -7.78 -20.13
C ASP A 265 -9.02 -7.19 -19.77
N THR A 266 -8.56 -6.21 -20.54
CA THR A 266 -7.28 -5.57 -20.26
C THR A 266 -7.21 -4.88 -18.91
N LEU A 267 -6.05 -4.99 -18.27
CA LEU A 267 -5.70 -4.33 -17.01
C LEU A 267 -4.37 -3.62 -17.15
N ARG A 268 -3.97 -2.88 -16.11
CA ARG A 268 -2.70 -2.21 -16.11
C ARG A 268 -1.69 -2.93 -15.18
N LEU A 269 -0.45 -3.02 -15.65
CA LEU A 269 0.62 -3.63 -14.81
C LEU A 269 0.72 -2.86 -13.52
N PRO A 270 0.89 -3.57 -12.39
CA PRO A 270 1.34 -4.97 -12.32
C PRO A 270 0.33 -6.04 -12.34
N MET A 271 -0.94 -5.69 -12.58
CA MET A 271 -1.92 -6.73 -12.88
C MET A 271 -1.67 -7.30 -14.24
N THR A 272 -1.78 -8.63 -14.36
CA THR A 272 -1.43 -9.28 -15.61
C THR A 272 -2.64 -10.14 -16.10
N PRO A 273 -2.57 -10.56 -17.35
CA PRO A 273 -3.75 -11.27 -17.91
C PRO A 273 -4.04 -12.60 -17.16
N ILE A 274 -5.27 -13.01 -17.16
CA ILE A 274 -5.64 -14.24 -16.50
C ILE A 274 -4.96 -15.44 -17.12
N THR A 275 -4.57 -16.39 -16.27
CA THR A 275 -3.93 -17.62 -16.79
C THR A 275 -5.04 -18.53 -17.37
N ASP A 276 -4.59 -19.46 -18.19
CA ASP A 276 -5.53 -20.52 -18.68
C ASP A 276 -6.21 -21.29 -17.60
N SER A 277 -5.51 -21.67 -16.53
CA SER A 277 -6.12 -22.36 -15.44
C SER A 277 -7.15 -21.51 -14.75
N GLY A 278 -6.82 -20.22 -14.58
CA GLY A 278 -7.76 -19.30 -14.02
C GLY A 278 -9.02 -19.10 -14.82
N ARG A 279 -8.90 -19.02 -16.14
CA ARG A 279 -10.10 -18.93 -16.99
C ARG A 279 -11.02 -20.13 -16.72
N GLU A 280 -10.46 -21.32 -16.67
CA GLU A 280 -11.26 -22.51 -16.46
C GLU A 280 -11.93 -22.55 -15.12
N THR A 281 -11.20 -22.14 -14.08
CA THR A 281 -11.80 -22.06 -12.76
C THR A 281 -12.95 -21.06 -12.68
N VAL A 282 -12.74 -19.87 -13.27
CA VAL A 282 -13.78 -18.83 -13.23
C VAL A 282 -15.00 -19.27 -14.09
N ARG A 283 -14.72 -19.86 -15.23
CA ARG A 283 -15.83 -20.28 -16.09
CA ARG A 283 -15.78 -20.36 -16.14
C ARG A 283 -16.70 -21.30 -15.32
N ALA A 284 -16.08 -22.24 -14.62
CA ALA A 284 -16.85 -23.23 -13.79
C ALA A 284 -17.67 -22.57 -12.73
N ALA A 285 -17.15 -21.54 -12.06
CA ALA A 285 -17.90 -20.79 -11.12
C ALA A 285 -19.12 -20.02 -11.73
N LEU A 286 -18.91 -19.44 -12.92
CA LEU A 286 -20.00 -18.76 -13.62
C LEU A 286 -21.11 -19.79 -13.96
N LYS A 287 -20.71 -20.95 -14.40
CA LYS A 287 -21.66 -22.07 -14.78
C LYS A 287 -22.45 -22.52 -13.52
N HIS A 288 -21.75 -22.59 -12.38
CA HIS A 288 -22.45 -22.94 -11.09
C HIS A 288 -23.48 -21.92 -10.70
N ALA A 289 -23.18 -20.66 -10.97
CA ALA A 289 -24.08 -19.61 -10.69
C ALA A 289 -25.23 -19.50 -11.71
N GLY A 290 -25.16 -20.27 -12.76
CA GLY A 290 -26.16 -20.27 -13.84
C GLY A 290 -26.08 -19.08 -14.75
N LEU A 291 -24.88 -18.50 -14.90
CA LEU A 291 -24.70 -17.27 -15.64
C LEU A 291 -24.23 -17.51 -17.05
N LEU A 292 -23.86 -18.73 -17.31
CA LEU A 292 -23.23 -19.25 -18.47
C LEU A 292 -23.74 -20.68 -18.49
N MET B 1 27.91 2.09 -4.04
CA MET B 1 28.35 1.02 -3.05
C MET B 1 27.11 0.24 -2.56
N PHE B 2 27.13 -1.11 -2.67
CA PHE B 2 25.89 -1.84 -2.29
C PHE B 2 26.13 -2.86 -1.16
N THR B 3 27.13 -2.60 -0.33
CA THR B 3 27.49 -3.49 0.76
C THR B 3 27.70 -2.68 2.06
N GLY B 4 27.75 -3.37 3.19
CA GLY B 4 28.01 -2.70 4.51
C GLY B 4 26.78 -1.98 5.04
N SER B 5 26.99 -0.88 5.78
CA SER B 5 25.92 -0.20 6.41
C SER B 5 25.43 0.89 5.52
N ILE B 6 24.23 0.79 5.03
CA ILE B 6 23.62 1.76 4.13
C ILE B 6 22.43 2.40 4.87
N VAL B 7 22.40 3.72 4.99
CA VAL B 7 21.33 4.32 5.78
C VAL B 7 20.11 4.62 4.93
N ALA B 8 18.94 4.22 5.41
CA ALA B 8 17.68 4.67 4.82
C ALA B 8 17.39 6.03 5.51
N ILE B 9 17.86 7.09 4.87
CA ILE B 9 17.88 8.38 5.58
C ILE B 9 16.53 9.02 5.76
N VAL B 10 16.32 9.63 6.91
CA VAL B 10 15.13 10.47 7.13
C VAL B 10 15.15 11.62 6.12
N THR B 11 13.96 12.08 5.80
CA THR B 11 13.77 13.33 5.08
C THR B 11 13.41 14.40 6.11
N PRO B 12 14.39 15.15 6.60
CA PRO B 12 14.11 16.13 7.67
C PRO B 12 13.23 17.28 7.14
N MET B 13 12.29 17.64 8.00
CA MET B 13 11.28 18.62 7.61
C MET B 13 11.29 19.76 8.65
N ASP B 14 10.89 20.94 8.15
CA ASP B 14 10.61 22.05 9.01
C ASP B 14 9.22 21.90 9.57
N GLU B 15 8.74 22.90 10.32
CA GLU B 15 7.41 22.78 10.97
C GLU B 15 6.28 22.75 9.98
N LYS B 16 6.51 23.14 8.76
CA LYS B 16 5.45 23.12 7.74
C LYS B 16 5.42 21.82 6.91
N GLY B 17 6.33 20.90 7.26
CA GLY B 17 6.48 19.65 6.47
C GLY B 17 7.28 19.75 5.23
N ASN B 18 8.02 20.84 5.05
CA ASN B 18 8.88 20.92 3.88
C ASN B 18 10.32 20.56 4.20
N VAL B 19 11.01 20.03 3.22
CA VAL B 19 12.38 19.50 3.42
C VAL B 19 13.30 20.61 3.94
N CYS B 20 14.09 20.31 4.98
CA CYS B 20 15.01 21.24 5.62
C CYS B 20 16.41 20.96 5.10
N ARG B 21 16.88 21.83 4.22
CA ARG B 21 18.17 21.63 3.62
CA ARG B 21 18.18 21.62 3.60
C ARG B 21 19.30 21.64 4.63
N ALA B 22 19.24 22.55 5.59
CA ALA B 22 20.32 22.64 6.62
C ALA B 22 20.39 21.33 7.43
N SER B 23 19.24 20.76 7.76
CA SER B 23 19.22 19.50 8.55
C SER B 23 19.73 18.34 7.73
N LEU B 24 19.40 18.33 6.48
CA LEU B 24 19.86 17.27 5.58
C LEU B 24 21.33 17.35 5.39
N LYS B 25 21.89 18.57 5.25
CA LYS B 25 23.30 18.74 5.13
C LYS B 25 24.02 18.14 6.35
N LYS B 26 23.52 18.41 7.55
CA LYS B 26 24.11 17.94 8.79
C LYS B 26 24.10 16.37 8.80
N LEU B 27 22.98 15.79 8.41
CA LEU B 27 22.91 14.33 8.29
C LEU B 27 23.87 13.78 7.34
N ILE B 28 23.98 14.35 6.16
CA ILE B 28 24.87 13.84 5.19
C ILE B 28 26.30 13.99 5.68
N ASP B 29 26.65 15.13 6.28
CA ASP B 29 28.02 15.23 6.75
C ASP B 29 28.34 14.19 7.85
N TYR B 30 27.33 13.89 8.69
CA TYR B 30 27.45 12.92 9.72
C TYR B 30 27.72 11.52 9.12
N HIS B 31 27.02 11.21 8.06
CA HIS B 31 27.20 9.87 7.40
C HIS B 31 28.55 9.81 6.72
N VAL B 32 28.97 10.89 6.14
CA VAL B 32 30.31 10.90 5.49
C VAL B 32 31.39 10.69 6.57
N ALA B 33 31.26 11.40 7.68
CA ALA B 33 32.28 11.29 8.75
C ALA B 33 32.27 9.94 9.49
N SER B 34 31.11 9.29 9.48
CA SER B 34 30.88 8.09 10.26
C SER B 34 31.08 6.77 9.59
N GLY B 35 31.39 6.79 8.31
CA GLY B 35 31.72 5.64 7.57
C GLY B 35 30.55 4.87 6.96
N THR B 36 29.38 5.49 6.90
CA THR B 36 28.25 4.86 6.23
C THR B 36 28.61 4.58 4.76
N SER B 37 28.20 3.44 4.19
CA SER B 37 28.56 3.04 2.88
C SER B 37 27.86 3.84 1.76
N ALA B 38 26.61 4.13 1.99
CA ALA B 38 25.72 4.80 1.02
C ALA B 38 24.50 5.29 1.72
N ILE B 39 23.75 6.13 1.01
CA ILE B 39 22.53 6.74 1.49
C ILE B 39 21.41 6.36 0.52
N VAL B 40 20.39 5.73 1.09
CA VAL B 40 19.11 5.53 0.40
C VAL B 40 18.22 6.74 0.67
N SER B 41 17.94 7.47 -0.38
CA SER B 41 17.17 8.71 -0.32
C SER B 41 15.72 8.51 -0.69
N VAL B 42 14.81 8.89 0.18
CA VAL B 42 13.35 8.71 -0.04
C VAL B 42 12.98 7.26 -0.17
N GLY B 43 13.50 6.46 0.78
CA GLY B 43 12.93 5.13 1.03
C GLY B 43 11.74 5.21 1.95
N THR B 44 11.41 4.08 2.57
CA THR B 44 10.32 4.10 3.54
C THR B 44 10.54 5.08 4.70
N THR B 45 11.77 5.02 5.27
CA THR B 45 12.19 5.86 6.34
C THR B 45 12.20 7.32 5.92
N GLY B 46 12.41 7.56 4.62
CA GLY B 46 12.36 8.91 4.07
C GLY B 46 10.99 9.42 3.64
N GLU B 47 9.93 8.72 4.02
CA GLU B 47 8.54 9.12 3.83
C GLU B 47 8.22 9.26 2.33
N PHE B 48 8.64 8.30 1.55
CA PHE B 48 8.19 8.32 0.12
C PHE B 48 6.69 8.44 -0.06
N ALA B 49 5.90 7.80 0.78
CA ALA B 49 4.43 7.86 0.59
C ALA B 49 3.85 9.23 0.61
N THR B 50 4.42 10.11 1.39
CA THR B 50 3.80 11.41 1.55
C THR B 50 4.46 12.59 0.84
N LEU B 51 5.49 12.34 0.01
CA LEU B 51 6.04 13.36 -0.88
C LEU B 51 5.41 13.13 -2.25
N ASN B 52 5.11 14.20 -2.98
CA ASN B 52 4.66 13.97 -4.36
C ASN B 52 5.90 13.76 -5.23
N HIS B 53 5.71 13.39 -6.52
CA HIS B 53 6.87 13.03 -7.37
C HIS B 53 7.83 14.15 -7.45
N ASP B 54 7.35 15.37 -7.61
CA ASP B 54 8.33 16.46 -7.66
C ASP B 54 9.15 16.68 -6.37
N GLU B 55 8.48 16.67 -5.23
CA GLU B 55 9.17 16.79 -3.98
C GLU B 55 10.18 15.65 -3.75
N HIS B 56 9.75 14.47 -4.10
CA HIS B 56 10.59 13.24 -4.00
C HIS B 56 11.86 13.41 -4.83
N ALA B 57 11.69 13.85 -6.06
CA ALA B 57 12.88 14.16 -6.88
C ALA B 57 13.72 15.28 -6.34
N ASP B 58 13.11 16.33 -5.80
CA ASP B 58 13.86 17.37 -5.19
C ASP B 58 14.73 16.90 -4.03
N VAL B 59 14.19 16.04 -3.20
CA VAL B 59 14.96 15.51 -2.06
C VAL B 59 16.13 14.69 -2.55
N VAL B 60 15.95 13.83 -3.54
CA VAL B 60 17.05 13.01 -4.10
C VAL B 60 18.12 13.95 -4.65
N MET B 61 17.69 14.92 -5.44
CA MET B 61 18.71 15.89 -6.02
C MET B 61 19.45 16.74 -5.02
N MET B 62 18.77 17.20 -3.96
CA MET B 62 19.33 17.93 -2.91
C MET B 62 20.36 17.02 -2.18
N THR B 63 20.01 15.75 -1.97
CA THR B 63 20.90 14.82 -1.29
C THR B 63 22.13 14.63 -2.14
N LEU B 64 21.99 14.42 -3.47
CA LEU B 64 23.20 14.35 -4.32
C LEU B 64 24.05 15.59 -4.27
N ASP B 65 23.41 16.75 -4.32
CA ASP B 65 24.15 18.02 -4.35
C ASP B 65 24.98 18.15 -3.05
N LEU B 66 24.30 17.92 -1.92
CA LEU B 66 24.95 18.01 -0.62
C LEU B 66 26.00 16.96 -0.41
N ALA B 67 25.77 15.75 -0.88
CA ALA B 67 26.79 14.69 -0.74
C ALA B 67 28.05 15.07 -1.50
N ASP B 68 27.85 15.74 -2.62
CA ASP B 68 29.00 16.32 -3.39
C ASP B 68 30.08 15.28 -3.69
N GLY B 69 29.63 14.10 -4.07
CA GLY B 69 30.51 13.02 -4.44
C GLY B 69 31.21 12.31 -3.32
N ARG B 70 30.92 12.65 -2.08
CA ARG B 70 31.67 12.09 -0.93
C ARG B 70 31.06 10.73 -0.42
N ILE B 71 29.82 10.47 -0.81
CA ILE B 71 29.13 9.23 -0.43
C ILE B 71 28.12 8.93 -1.53
N PRO B 72 27.96 7.65 -1.92
CA PRO B 72 26.98 7.30 -2.94
C PRO B 72 25.57 7.41 -2.46
N VAL B 73 24.69 7.78 -3.40
CA VAL B 73 23.25 7.96 -3.14
C VAL B 73 22.50 6.99 -4.02
N ILE B 74 21.57 6.25 -3.39
CA ILE B 74 20.66 5.35 -4.06
C ILE B 74 19.28 6.00 -3.91
N ALA B 75 18.51 6.16 -4.98
CA ALA B 75 17.18 6.71 -4.87
C ALA B 75 16.09 5.65 -4.70
N GLY B 76 15.19 5.92 -3.80
CA GLY B 76 13.91 5.22 -3.73
C GLY B 76 13.13 5.58 -5.01
N THR B 77 12.74 4.54 -5.75
CA THR B 77 11.99 4.69 -6.98
C THR B 77 10.76 3.79 -7.13
N GLY B 78 10.31 3.22 -6.02
CA GLY B 78 9.27 2.26 -6.11
C GLY B 78 7.90 2.94 -6.41
N ALA B 79 7.02 2.13 -6.96
CA ALA B 79 5.59 2.52 -7.08
C ALA B 79 4.79 1.31 -7.21
N ASN B 80 3.50 1.45 -6.92
CA ASN B 80 2.59 0.35 -7.13
C ASN B 80 1.91 0.26 -8.51
N ALA B 81 2.27 1.19 -9.39
CA ALA B 81 1.90 1.17 -10.77
C ALA B 81 3.15 1.16 -11.61
N THR B 82 3.27 0.18 -12.48
CA THR B 82 4.50 0.03 -13.23
C THR B 82 4.88 1.28 -14.06
N ALA B 83 3.88 1.92 -14.65
CA ALA B 83 4.18 3.17 -15.41
C ALA B 83 4.72 4.26 -14.55
N GLU B 84 4.23 4.41 -13.31
CA GLU B 84 4.66 5.37 -12.37
C GLU B 84 6.12 5.13 -11.95
N ALA B 85 6.44 3.85 -11.72
CA ALA B 85 7.79 3.49 -11.37
C ALA B 85 8.80 3.80 -12.49
N ILE B 86 8.38 3.47 -13.71
CA ILE B 86 9.21 3.81 -14.90
C ILE B 86 9.42 5.32 -14.93
N SER B 87 8.34 6.05 -14.85
CA SER B 87 8.41 7.53 -14.91
CA SER B 87 8.38 7.51 -14.91
C SER B 87 9.32 8.10 -13.86
N LEU B 88 9.19 7.63 -12.61
CA LEU B 88 10.04 8.14 -11.54
C LEU B 88 11.50 7.80 -11.80
N THR B 89 11.81 6.59 -12.33
CA THR B 89 13.13 6.15 -12.65
C THR B 89 13.77 7.10 -13.69
N GLN B 90 12.96 7.54 -14.65
CA GLN B 90 13.52 8.38 -15.77
C GLN B 90 13.98 9.70 -15.24
N ARG B 91 13.35 10.18 -14.22
CA ARG B 91 13.77 11.44 -13.59
C ARG B 91 15.15 11.41 -13.01
N PHE B 92 15.66 10.23 -12.73
CA PHE B 92 16.97 10.08 -12.10
C PHE B 92 18.05 9.62 -13.02
N ASN B 93 17.69 9.18 -14.22
CA ASN B 93 18.72 8.71 -15.16
C ASN B 93 19.75 9.92 -15.36
N ASP B 94 21.05 9.61 -15.33
CA ASP B 94 22.10 10.66 -15.39
C ASP B 94 22.06 11.71 -14.31
N SER B 95 21.40 11.46 -13.16
CA SER B 95 21.37 12.40 -12.05
C SER B 95 22.67 12.35 -11.23
N GLY B 96 23.42 11.26 -11.27
CA GLY B 96 24.53 11.03 -10.34
C GLY B 96 24.24 9.96 -9.26
N ILE B 97 23.01 9.50 -9.14
CA ILE B 97 22.71 8.36 -8.24
C ILE B 97 23.38 7.13 -8.76
N VAL B 98 23.72 6.20 -7.90
CA VAL B 98 24.39 4.99 -8.24
C VAL B 98 23.46 3.81 -8.50
N GLY B 99 22.22 3.98 -8.08
CA GLY B 99 21.24 2.92 -8.20
C GLY B 99 19.93 3.30 -7.58
N CYS B 100 18.95 2.42 -7.77
CA CYS B 100 17.62 2.62 -7.31
C CYS B 100 17.19 1.48 -6.37
N LEU B 101 16.37 1.85 -5.38
CA LEU B 101 15.68 0.90 -4.45
C LEU B 101 14.23 0.90 -4.80
N THR B 102 13.77 -0.23 -5.31
CA THR B 102 12.42 -0.32 -5.88
C THR B 102 11.52 -1.37 -5.19
N VAL B 103 10.53 -0.89 -4.45
CA VAL B 103 9.66 -1.75 -3.64
C VAL B 103 8.65 -2.52 -4.45
N THR B 104 8.33 -3.69 -4.00
CA THR B 104 7.22 -4.45 -4.61
C THR B 104 5.95 -3.59 -4.51
N PRO B 105 5.15 -3.60 -5.57
CA PRO B 105 3.87 -2.92 -5.49
C PRO B 105 3.08 -3.27 -4.23
N TYR B 106 2.56 -2.22 -3.64
CA TYR B 106 1.75 -2.23 -2.41
C TYR B 106 0.27 -2.05 -2.75
N TYR B 107 -0.58 -2.61 -1.92
CA TYR B 107 -2.01 -2.50 -1.93
C TYR B 107 -2.66 -3.40 -3.00
N ASN B 108 -2.17 -3.35 -4.25
CA ASN B 108 -2.87 -4.11 -5.32
C ASN B 108 -2.56 -5.58 -5.40
N ARG B 109 -1.60 -6.09 -4.60
CA ARG B 109 -1.34 -7.54 -4.49
C ARG B 109 -1.16 -8.30 -5.76
N PRO B 110 -0.22 -7.89 -6.59
CA PRO B 110 0.00 -8.62 -7.82
C PRO B 110 0.50 -10.06 -7.60
N SER B 111 0.33 -10.91 -8.60
CA SER B 111 0.88 -12.22 -8.61
C SER B 111 2.43 -12.15 -8.74
N GLN B 112 3.06 -13.31 -8.54
CA GLN B 112 4.49 -13.41 -8.79
C GLN B 112 4.81 -13.06 -10.23
N GLU B 113 4.01 -13.56 -11.16
CA GLU B 113 4.20 -13.14 -12.55
C GLU B 113 4.08 -11.60 -12.75
N GLY B 114 3.12 -11.00 -12.10
CA GLY B 114 3.01 -9.52 -12.11
C GLY B 114 4.19 -8.80 -11.55
N LEU B 115 4.76 -9.33 -10.45
CA LEU B 115 6.00 -8.78 -9.91
C LEU B 115 7.13 -8.93 -10.88
N TYR B 116 7.26 -10.09 -11.52
CA TYR B 116 8.30 -10.29 -12.52
C TYR B 116 8.18 -9.29 -13.63
N GLN B 117 6.94 -9.11 -14.16
CA GLN B 117 6.76 -8.17 -15.24
C GLN B 117 7.00 -6.72 -14.88
N HIS B 118 6.60 -6.34 -13.69
CA HIS B 118 6.81 -5.05 -13.11
C HIS B 118 8.27 -4.71 -13.07
N PHE B 119 9.03 -5.55 -12.41
CA PHE B 119 10.42 -5.20 -12.22
C PHE B 119 11.29 -5.32 -13.52
N LYS B 120 10.92 -6.28 -14.37
CA LYS B 120 11.52 -6.45 -15.67
C LYS B 120 11.36 -5.22 -16.52
N ALA B 121 10.13 -4.70 -16.56
CA ALA B 121 9.87 -3.51 -17.32
C ALA B 121 10.66 -2.30 -16.79
N ILE B 122 10.66 -2.09 -15.44
CA ILE B 122 11.42 -1.02 -14.89
C ILE B 122 12.91 -1.14 -15.25
N ALA B 123 13.50 -2.35 -15.12
CA ALA B 123 14.94 -2.52 -15.39
C ALA B 123 15.27 -2.26 -16.83
N GLU B 124 14.32 -2.59 -17.70
CA GLU B 124 14.50 -2.42 -19.17
C GLU B 124 14.76 -1.00 -19.61
N HIS B 125 14.15 -0.05 -18.93
CA HIS B 125 14.15 1.35 -19.25
C HIS B 125 15.09 2.25 -18.50
N THR B 126 16.17 1.63 -17.98
CA THR B 126 17.26 2.35 -17.33
C THR B 126 18.49 1.59 -17.44
N ASP B 127 19.65 2.25 -17.36
CA ASP B 127 20.86 1.54 -17.18
C ASP B 127 21.29 1.49 -15.68
N LEU B 128 20.53 2.10 -14.81
CA LEU B 128 20.90 2.12 -13.34
C LEU B 128 20.67 0.75 -12.71
N PRO B 129 21.56 0.33 -11.79
CA PRO B 129 21.38 -0.87 -11.03
C PRO B 129 20.12 -0.71 -10.17
N GLN B 130 19.41 -1.82 -10.07
CA GLN B 130 18.14 -1.87 -9.36
C GLN B 130 18.29 -2.88 -8.17
N ILE B 131 17.86 -2.44 -6.99
CA ILE B 131 17.76 -3.25 -5.80
C ILE B 131 16.29 -3.42 -5.52
N LEU B 132 15.84 -4.64 -5.60
CA LEU B 132 14.44 -5.04 -5.31
C LEU B 132 14.19 -4.87 -3.80
N TYR B 133 12.97 -4.57 -3.39
CA TYR B 133 12.68 -4.35 -1.94
C TYR B 133 11.45 -5.11 -1.62
N ASN B 134 11.56 -6.10 -0.73
CA ASN B 134 10.45 -6.91 -0.30
C ASN B 134 10.13 -6.61 1.15
N VAL B 135 8.90 -6.21 1.44
CA VAL B 135 8.47 -5.85 2.83
C VAL B 135 6.95 -6.13 2.91
N PRO B 136 6.59 -7.40 3.03
CA PRO B 136 5.20 -7.85 3.01
C PRO B 136 4.32 -7.26 4.05
N SER B 137 4.89 -6.91 5.21
CA SER B 137 4.10 -6.29 6.28
C SER B 137 3.53 -4.92 5.90
N ARG B 138 4.14 -4.26 4.94
CA ARG B 138 3.68 -3.00 4.41
C ARG B 138 2.86 -3.11 3.12
N THR B 139 3.16 -4.08 2.31
CA THR B 139 2.71 -4.06 0.94
C THR B 139 1.53 -4.96 0.68
N GLY B 140 1.43 -6.03 1.45
CA GLY B 140 0.48 -7.06 1.25
C GLY B 140 0.94 -8.10 0.21
N CYS B 141 2.17 -8.04 -0.30
CA CYS B 141 2.63 -9.07 -1.13
C CYS B 141 4.04 -9.49 -0.80
N ASP B 142 4.37 -10.66 -1.23
CA ASP B 142 5.69 -11.24 -0.83
C ASP B 142 6.38 -11.74 -2.04
N LEU B 143 7.45 -11.05 -2.41
CA LEU B 143 8.28 -11.46 -3.52
C LEU B 143 9.16 -12.69 -3.14
N LEU B 144 8.73 -13.85 -3.61
CA LEU B 144 9.38 -15.10 -3.17
C LEU B 144 10.71 -15.37 -3.85
N PRO B 145 11.57 -16.19 -3.18
CA PRO B 145 12.90 -16.52 -3.77
C PRO B 145 12.91 -16.96 -5.21
N GLU B 146 11.93 -17.79 -5.61
CA GLU B 146 11.84 -18.23 -7.01
C GLU B 146 11.79 -17.05 -7.99
N THR B 147 10.97 -16.04 -7.68
CA THR B 147 10.82 -14.91 -8.51
C THR B 147 12.02 -14.00 -8.45
N VAL B 148 12.64 -13.90 -7.26
CA VAL B 148 13.89 -13.17 -7.15
C VAL B 148 14.94 -13.80 -8.09
N GLY B 149 14.98 -15.14 -8.14
CA GLY B 149 15.93 -15.85 -9.05
C GLY B 149 15.69 -15.56 -10.50
N ARG B 150 14.44 -15.48 -10.87
CA ARG B 150 14.08 -15.10 -12.24
C ARG B 150 14.57 -13.68 -12.61
N LEU B 151 14.30 -12.73 -11.68
CA LEU B 151 14.66 -11.36 -11.87
C LEU B 151 16.13 -11.10 -11.84
N ALA B 152 16.88 -11.91 -11.07
CA ALA B 152 18.35 -11.70 -10.95
C ALA B 152 19.03 -12.00 -12.31
N LYS B 153 18.33 -12.69 -13.21
CA LYS B 153 18.91 -12.86 -14.58
C LYS B 153 18.93 -11.62 -15.41
N VAL B 154 18.08 -10.64 -15.07
CA VAL B 154 18.06 -9.36 -15.74
C VAL B 154 19.30 -8.60 -15.37
N LYS B 155 20.09 -8.14 -16.38
CA LYS B 155 21.44 -7.68 -16.12
C LYS B 155 21.59 -6.63 -15.02
N ASN B 156 20.68 -5.66 -15.01
CA ASN B 156 20.79 -4.56 -14.06
C ASN B 156 19.90 -4.72 -12.80
N ILE B 157 19.36 -5.89 -12.56
CA ILE B 157 18.74 -6.15 -11.23
C ILE B 157 19.85 -6.82 -10.43
N ILE B 158 20.38 -6.12 -9.44
CA ILE B 158 21.64 -6.52 -8.83
C ILE B 158 21.56 -6.90 -7.37
N GLY B 159 20.40 -6.78 -6.77
CA GLY B 159 20.29 -7.18 -5.38
C GLY B 159 18.91 -7.05 -4.84
N ILE B 160 18.78 -7.30 -3.54
CA ILE B 160 17.52 -7.23 -2.86
C ILE B 160 17.68 -6.75 -1.43
N KPI B 161 16.75 -5.91 -1.03
CA KPI B 161 16.59 -5.46 0.36
CB KPI B 161 16.18 -3.98 0.46
CG KPI B 161 15.95 -3.50 1.86
CD KPI B 161 15.51 -2.06 1.88
CE KPI B 161 15.24 -1.45 3.25
NZ KPI B 161 14.65 -0.11 3.14
CX1 KPI B 161 14.40 0.61 4.23
C1 KPI B 161 14.93 0.30 5.57
CX2 KPI B 161 13.70 1.88 4.00
O1 KPI B 161 13.31 2.60 4.99
O2 KPI B 161 13.44 2.12 2.84
C KPI B 161 15.48 -6.34 0.88
O KPI B 161 14.30 -6.18 0.53
N GLU B 162 15.83 -7.31 1.75
CA GLU B 162 14.86 -8.32 2.16
C GLU B 162 14.43 -7.95 3.58
N ALA B 163 13.19 -7.50 3.70
CA ALA B 163 12.64 -7.00 4.96
C ALA B 163 11.55 -7.81 5.55
N THR B 164 11.55 -9.11 5.27
CA THR B 164 10.57 -10.00 5.91
C THR B 164 10.99 -10.25 7.36
N GLY B 165 12.24 -10.19 7.71
CA GLY B 165 12.72 -10.74 8.96
C GLY B 165 12.77 -12.24 9.05
N ASN B 166 12.54 -12.91 7.94
CA ASN B 166 12.52 -14.33 7.90
C ASN B 166 13.88 -14.75 7.35
N LEU B 167 14.74 -15.22 8.24
CA LEU B 167 16.12 -15.41 7.88
C LEU B 167 16.38 -16.61 6.95
N THR B 168 15.39 -17.50 6.81
CA THR B 168 15.48 -18.60 5.84
C THR B 168 15.61 -18.08 4.43
N ARG B 169 15.13 -16.83 4.18
CA ARG B 169 15.25 -16.26 2.82
C ARG B 169 16.65 -16.07 2.35
N VAL B 170 17.61 -15.83 3.23
CA VAL B 170 18.96 -15.53 2.77
C VAL B 170 19.45 -16.61 1.86
N ASN B 171 19.51 -17.83 2.36
CA ASN B 171 20.08 -18.91 1.55
C ASN B 171 19.14 -19.51 0.49
N GLN B 172 17.85 -19.31 0.66
CA GLN B 172 16.89 -19.64 -0.40
C GLN B 172 17.17 -18.78 -1.62
N ILE B 173 17.39 -17.48 -1.43
CA ILE B 173 17.73 -16.60 -2.56
C ILE B 173 19.14 -16.83 -3.05
N LYS B 174 20.11 -16.96 -2.12
CA LYS B 174 21.47 -17.15 -2.53
C LYS B 174 21.69 -18.31 -3.49
N GLU B 175 21.01 -19.38 -3.24
CA GLU B 175 21.22 -20.54 -4.10
C GLU B 175 20.65 -20.41 -5.49
N LEU B 176 19.79 -19.42 -5.67
CA LEU B 176 19.15 -19.18 -6.98
C LEU B 176 19.78 -18.08 -7.78
N VAL B 177 20.77 -17.33 -7.30
CA VAL B 177 21.29 -16.14 -7.95
C VAL B 177 22.76 -16.32 -8.10
N SER B 178 23.36 -15.47 -8.89
CA SER B 178 24.82 -15.47 -8.99
C SER B 178 25.51 -14.92 -7.77
N ASP B 179 26.80 -15.26 -7.67
CA ASP B 179 27.60 -14.83 -6.53
C ASP B 179 27.72 -13.38 -6.40
N ASP B 180 27.54 -12.62 -7.45
CA ASP B 180 27.62 -11.20 -7.30
C ASP B 180 26.29 -10.43 -6.95
N PHE B 181 25.20 -11.14 -6.85
CA PHE B 181 23.91 -10.54 -6.46
C PHE B 181 23.95 -10.20 -4.97
N VAL B 182 23.59 -9.00 -4.60
CA VAL B 182 23.69 -8.48 -3.26
C VAL B 182 22.44 -8.77 -2.42
N LEU B 183 22.65 -9.33 -1.24
CA LEU B 183 21.60 -9.62 -0.33
CA LEU B 183 21.56 -9.60 -0.33
C LEU B 183 21.71 -8.62 0.83
N LEU B 184 20.74 -7.75 1.03
CA LEU B 184 20.83 -6.74 2.05
C LEU B 184 19.67 -6.89 2.99
N SER B 185 19.89 -6.82 4.31
CA SER B 185 18.75 -6.87 5.22
C SER B 185 18.02 -5.54 5.15
N GLY B 186 16.69 -5.57 5.25
CA GLY B 186 15.89 -4.41 5.55
C GLY B 186 15.19 -4.47 6.87
N ASP B 187 15.77 -5.23 7.83
CA ASP B 187 15.14 -5.42 9.16
C ASP B 187 16.24 -5.31 10.23
N ASP B 188 16.42 -4.16 10.84
CA ASP B 188 17.64 -3.96 11.66
C ASP B 188 17.76 -4.99 12.78
N ALA B 189 16.65 -5.37 13.43
CA ALA B 189 16.75 -6.30 14.54
C ALA B 189 17.25 -7.68 14.18
N SER B 190 17.14 -8.09 12.92
CA SER B 190 17.66 -9.39 12.48
C SER B 190 18.81 -9.25 11.51
N ALA B 191 19.33 -8.06 11.31
CA ALA B 191 20.34 -7.80 10.23
C ALA B 191 21.66 -8.51 10.44
N LEU B 192 22.14 -8.52 11.68
CA LEU B 192 23.43 -9.17 11.96
C LEU B 192 23.30 -10.69 11.66
N ASP B 193 22.24 -11.27 12.13
CA ASP B 193 21.88 -12.68 11.77
C ASP B 193 21.83 -12.87 10.24
N PHE B 194 21.25 -11.91 9.54
CA PHE B 194 21.11 -11.96 8.11
C PHE B 194 22.51 -11.97 7.46
N MET B 195 23.40 -11.08 7.91
CA MET B 195 24.80 -11.09 7.43
C MET B 195 25.55 -12.36 7.81
N GLN B 196 25.31 -12.87 9.00
CA GLN B 196 26.02 -14.09 9.41
C GLN B 196 25.64 -15.28 8.47
N LEU B 197 24.41 -15.28 7.95
CA LEU B 197 23.97 -16.34 7.06
C LEU B 197 24.43 -16.17 5.63
N GLY B 198 24.98 -15.02 5.29
CA GLY B 198 25.52 -14.79 3.93
C GLY B 198 25.16 -13.42 3.33
N GLY B 199 24.39 -12.59 4.05
CA GLY B 199 24.05 -11.28 3.60
C GLY B 199 25.24 -10.36 3.54
N HIS B 200 25.15 -9.35 2.73
CA HIS B 200 26.26 -8.47 2.34
C HIS B 200 26.20 -7.10 3.02
N GLY B 201 25.15 -6.82 3.74
CA GLY B 201 25.00 -5.54 4.42
C GLY B 201 23.56 -5.35 4.83
N VAL B 202 23.24 -4.07 5.16
CA VAL B 202 21.93 -3.69 5.68
C VAL B 202 21.55 -2.35 5.23
N ILE B 203 20.29 -2.19 4.81
CA ILE B 203 19.76 -0.92 4.58
C ILE B 203 18.96 -0.56 5.85
N SER B 204 19.50 0.38 6.62
CA SER B 204 19.29 0.46 8.05
C SER B 204 18.48 1.72 8.48
N VAL B 205 17.56 1.60 9.42
CA VAL B 205 16.97 2.72 10.08
C VAL B 205 17.85 3.20 11.25
N THR B 206 18.36 2.21 12.01
CA THR B 206 19.21 2.48 13.15
C THR B 206 20.45 3.30 12.83
N ALA B 207 20.98 3.07 11.63
CA ALA B 207 22.13 3.85 11.09
C ALA B 207 21.94 5.37 11.08
N ASN B 208 20.67 5.82 11.08
CA ASN B 208 20.41 7.22 11.12
C ASN B 208 20.98 7.87 12.37
N VAL B 209 21.04 7.14 13.51
CA VAL B 209 21.50 7.71 14.81
C VAL B 209 22.71 7.00 15.38
N ALA B 210 23.03 5.84 14.83
CA ALA B 210 24.22 5.04 15.28
C ALA B 210 25.13 4.67 14.10
N ALA B 211 25.47 5.66 13.30
CA ALA B 211 26.11 5.38 12.04
C ALA B 211 27.46 4.70 12.20
N ARG B 212 28.28 5.18 13.15
CA ARG B 212 29.65 4.58 13.27
C ARG B 212 29.58 3.12 13.79
N ASP B 213 28.79 2.88 14.84
CA ASP B 213 28.64 1.51 15.32
C ASP B 213 28.05 0.59 14.26
N MET B 214 27.08 1.05 13.51
CA MET B 214 26.57 0.26 12.39
C MET B 214 27.61 -0.08 11.33
N ALA B 215 28.39 0.89 10.98
CA ALA B 215 29.44 0.70 9.96
C ALA B 215 30.48 -0.32 10.49
N GLN B 216 30.91 -0.17 11.77
CA GLN B 216 31.86 -1.11 12.30
C GLN B 216 31.25 -2.50 12.44
N MET B 217 29.98 -2.59 12.91
CA MET B 217 29.30 -3.89 12.98
C MET B 217 29.30 -4.60 11.65
N CYS B 218 28.91 -3.90 10.58
CA CYS B 218 28.83 -4.53 9.28
C CYS B 218 30.16 -4.89 8.72
N LYS B 219 31.22 -4.14 9.04
CA LYS B 219 32.58 -4.56 8.63
C LYS B 219 33.06 -5.78 9.33
N LEU B 220 32.88 -5.87 10.64
CA LEU B 220 33.26 -7.02 11.43
C LEU B 220 32.51 -8.23 10.85
N ALA B 221 31.20 -8.03 10.54
CA ALA B 221 30.42 -9.17 10.00
C ALA B 221 30.98 -9.63 8.69
N ALA B 222 31.29 -8.73 7.77
CA ALA B 222 31.87 -9.05 6.46
C ALA B 222 33.20 -9.74 6.58
N GLU B 223 33.96 -9.50 7.64
CA GLU B 223 35.24 -10.17 7.90
C GLU B 223 35.04 -11.45 8.61
N GLY B 224 33.84 -11.86 8.99
CA GLY B 224 33.62 -13.07 9.72
C GLY B 224 33.72 -13.03 11.22
N HIS B 225 33.85 -11.79 11.78
CA HIS B 225 34.09 -11.59 13.19
C HIS B 225 32.74 -11.39 13.88
N PHE B 226 31.94 -12.44 13.87
CA PHE B 226 30.55 -12.32 14.28
C PHE B 226 30.42 -12.08 15.79
N ALA B 227 31.29 -12.67 16.63
CA ALA B 227 31.14 -12.51 18.07
C ALA B 227 31.41 -11.06 18.42
N GLU B 228 32.40 -10.51 17.75
CA GLU B 228 32.73 -9.08 17.94
C GLU B 228 31.60 -8.12 17.45
N ALA B 229 31.06 -8.49 16.30
CA ALA B 229 29.93 -7.71 15.77
C ALA B 229 28.74 -7.77 16.71
N ARG B 230 28.54 -8.94 17.32
CA ARG B 230 27.37 -9.18 18.16
CA ARG B 230 27.38 -9.18 18.15
C ARG B 230 27.42 -8.33 19.44
N VAL B 231 28.61 -8.02 19.94
CA VAL B 231 28.72 -7.11 21.07
C VAL B 231 28.13 -5.73 20.75
N ILE B 232 28.43 -5.20 19.56
CA ILE B 232 27.86 -3.99 19.13
C ILE B 232 26.36 -4.11 18.95
N ASN B 233 25.97 -5.17 18.27
CA ASN B 233 24.55 -5.43 18.06
C ASN B 233 23.74 -5.47 19.35
N GLN B 234 24.31 -6.02 20.42
CA GLN B 234 23.58 -6.12 21.67
C GLN B 234 23.36 -4.73 22.29
N ARG B 235 24.30 -3.83 22.09
CA ARG B 235 24.08 -2.49 22.61
C ARG B 235 23.06 -1.70 21.76
N LEU B 236 22.97 -2.07 20.47
CA LEU B 236 22.03 -1.45 19.56
C LEU B 236 20.62 -2.09 19.58
N MET B 237 20.44 -3.26 20.20
CA MET B 237 19.23 -4.06 20.04
C MET B 237 17.98 -3.36 20.53
N PRO B 238 18.09 -2.66 21.67
CA PRO B 238 16.87 -1.92 22.08
C PRO B 238 16.51 -0.84 21.08
N LEU B 239 17.48 -0.14 20.51
CA LEU B 239 17.18 0.79 19.49
C LEU B 239 16.65 0.16 18.25
N HIS B 240 17.19 -1.01 17.81
CA HIS B 240 16.64 -1.68 16.64
C HIS B 240 15.14 -1.97 16.84
N ASN B 241 14.73 -2.34 18.03
CA ASN B 241 13.32 -2.60 18.31
C ASN B 241 12.51 -1.35 18.54
N LYS B 242 13.03 -0.44 19.36
CA LYS B 242 12.26 0.71 19.84
C LYS B 242 12.15 1.83 18.80
N LEU B 243 12.99 1.82 17.74
CA LEU B 243 12.74 2.70 16.62
C LEU B 243 11.43 2.34 15.89
N PHE B 244 10.82 1.26 16.30
CA PHE B 244 9.48 0.84 15.77
C PHE B 244 8.44 0.84 16.87
N VAL B 245 8.68 1.49 18.01
CA VAL B 245 7.66 1.50 19.02
C VAL B 245 6.41 2.25 18.62
N GLU B 246 6.57 3.26 17.77
CA GLU B 246 5.55 3.89 17.02
C GLU B 246 5.97 3.84 15.57
N PRO B 247 5.05 4.18 14.62
CA PRO B 247 5.36 3.81 13.22
C PRO B 247 6.60 4.52 12.71
N ASN B 248 7.50 3.77 12.08
CA ASN B 248 8.71 4.43 11.40
C ASN B 248 8.28 5.43 10.35
N PRO B 249 8.78 6.66 10.31
CA PRO B 249 9.96 7.16 10.96
C PRO B 249 9.70 8.11 12.17
N ILE B 250 8.58 7.91 12.83
CA ILE B 250 8.23 8.77 13.94
C ILE B 250 9.38 8.71 15.03
N PRO B 251 9.71 7.51 15.49
CA PRO B 251 10.79 7.46 16.54
C PRO B 251 12.15 7.91 16.11
N VAL B 252 12.56 7.52 14.91
CA VAL B 252 13.91 7.89 14.45
C VAL B 252 14.04 9.38 14.21
N LYS B 253 12.98 10.01 13.73
CA LYS B 253 13.04 11.46 13.59
C LYS B 253 13.13 12.18 14.94
N TRP B 254 12.42 11.69 15.91
CA TRP B 254 12.56 12.25 17.24
C TRP B 254 13.98 12.07 17.81
N ALA B 255 14.51 10.87 17.62
CA ALA B 255 15.89 10.59 18.02
C ALA B 255 16.90 11.50 17.34
N CYS B 256 16.76 11.76 16.05
CA CYS B 256 17.66 12.63 15.37
C CYS B 256 17.53 14.07 15.94
N LYS B 257 16.32 14.48 16.30
CA LYS B 257 16.14 15.84 16.93
C LYS B 257 16.82 15.86 18.30
N GLU B 258 16.63 14.80 19.09
CA GLU B 258 17.16 14.71 20.44
C GLU B 258 18.70 14.75 20.40
N LEU B 259 19.36 14.18 19.38
CA LEU B 259 20.80 14.24 19.27
C LEU B 259 21.31 15.55 18.66
N GLY B 260 20.41 16.35 18.11
CA GLY B 260 20.76 17.58 17.46
C GLY B 260 21.09 17.52 16.04
N LEU B 261 20.82 16.39 15.39
CA LEU B 261 21.16 16.20 14.00
C LEU B 261 20.16 16.90 13.05
N VAL B 262 18.90 17.05 13.46
CA VAL B 262 17.92 17.75 12.64
C VAL B 262 17.24 18.82 13.52
N ALA B 263 16.68 19.83 12.87
CA ALA B 263 16.10 20.98 13.59
C ALA B 263 14.74 20.65 14.16
N THR B 264 13.94 19.80 13.47
CA THR B 264 12.58 19.49 13.96
C THR B 264 12.23 18.03 13.63
N ASP B 265 11.37 17.44 14.43
CA ASP B 265 10.94 16.08 14.21
C ASP B 265 9.65 15.96 13.44
N THR B 266 9.25 17.01 12.76
CA THR B 266 7.98 17.03 12.02
C THR B 266 7.92 15.96 10.94
N LEU B 267 6.74 15.43 10.78
CA LEU B 267 6.42 14.43 9.74
C LEU B 267 5.18 14.90 9.01
N ARG B 268 4.81 14.22 7.92
CA ARG B 268 3.53 14.45 7.25
C ARG B 268 2.47 13.46 7.64
N LEU B 269 1.20 13.93 7.82
CA LEU B 269 0.11 13.05 8.01
C LEU B 269 0.01 12.01 6.89
N PRO B 270 -0.30 10.75 7.22
CA PRO B 270 -0.92 10.29 8.48
C PRO B 270 0.07 9.91 9.58
N MET B 271 1.33 10.22 9.43
CA MET B 271 2.29 10.08 10.57
C MET B 271 2.01 11.23 11.52
N THR B 272 2.01 10.95 12.83
CA THR B 272 1.75 11.93 13.83
C THR B 272 2.85 11.99 14.84
N PRO B 273 2.85 13.06 15.65
CA PRO B 273 3.95 13.25 16.60
C PRO B 273 4.12 12.13 17.61
N ILE B 274 5.37 11.89 17.98
CA ILE B 274 5.67 10.89 18.97
C ILE B 274 4.88 11.13 20.30
N THR B 275 4.43 10.07 20.93
CA THR B 275 3.77 10.15 22.27
C THR B 275 4.85 10.33 23.33
N ASP B 276 4.42 10.79 24.50
CA ASP B 276 5.37 10.90 25.60
C ASP B 276 5.93 9.63 26.04
N SER B 277 5.17 8.56 26.03
CA SER B 277 5.68 7.29 26.37
C SER B 277 6.68 6.84 25.35
N GLY B 278 6.38 7.13 24.08
CA GLY B 278 7.38 6.78 23.06
C GLY B 278 8.67 7.52 23.22
N ARG B 279 8.67 8.82 23.57
CA ARG B 279 9.93 9.55 23.82
C ARG B 279 10.72 8.89 24.90
N GLU B 280 10.05 8.43 25.95
CA GLU B 280 10.73 7.82 27.09
C GLU B 280 11.40 6.53 26.66
N THR B 281 10.67 5.72 25.92
CA THR B 281 11.19 4.44 25.45
C THR B 281 12.40 4.64 24.50
N VAL B 282 12.24 5.53 23.55
CA VAL B 282 13.31 5.79 22.60
C VAL B 282 14.53 6.35 23.33
N ARG B 283 14.32 7.30 24.24
CA ARG B 283 15.48 7.84 24.95
C ARG B 283 16.27 6.80 25.75
N ALA B 284 15.61 5.85 26.36
CA ALA B 284 16.24 4.82 27.11
C ALA B 284 17.05 3.96 26.15
N ALA B 285 16.51 3.70 24.96
CA ALA B 285 17.25 2.98 23.98
C ALA B 285 18.50 3.67 23.45
N LEU B 286 18.43 4.98 23.26
CA LEU B 286 19.59 5.76 22.89
C LEU B 286 20.69 5.70 23.94
N LYS B 287 20.28 5.79 25.20
CA LYS B 287 21.22 5.73 26.33
C LYS B 287 21.85 4.33 26.40
N HIS B 288 21.08 3.30 26.17
CA HIS B 288 21.64 1.91 26.15
C HIS B 288 22.67 1.80 25.06
N ALA B 289 22.46 2.48 23.93
CA ALA B 289 23.41 2.44 22.84
C ALA B 289 24.62 3.32 23.02
N GLY B 290 24.61 4.09 24.09
CA GLY B 290 25.69 5.02 24.43
C GLY B 290 25.67 6.30 23.66
N LEU B 291 24.52 6.70 23.15
CA LEU B 291 24.47 7.85 22.26
C LEU B 291 24.04 9.13 22.89
N LEU B 292 23.54 9.06 24.09
CA LEU B 292 23.12 10.26 24.82
C LEU B 292 23.76 10.07 26.20
K K C . -21.33 10.56 11.82
N LYS D . -0.42 4.58 -7.63
CA LYS D . -0.52 5.54 -6.36
C LYS D . -1.28 4.98 -5.12
O LYS D . -1.82 3.84 -5.14
CB LYS D . -1.29 6.80 -6.76
CG LYS D . -2.70 6.52 -7.27
CD LYS D . -3.46 7.84 -7.56
CE LYS D . -4.85 7.63 -7.05
NZ LYS D . -5.74 7.21 -8.08
OXT LYS D . -1.50 5.72 -4.08
K K E . 21.66 -9.35 -12.55
N LYS F . 1.27 8.65 -1.94
CA LYS F . 1.43 7.73 -3.20
C LYS F . 2.08 6.31 -2.99
O LYS F . 2.21 5.54 -4.00
CB LYS F . 2.30 8.45 -4.29
CG LYS F . 3.75 8.80 -3.83
CD LYS F . 4.60 9.22 -5.03
CE LYS F . 5.95 9.88 -4.75
NZ LYS F . 6.85 9.15 -3.91
OXT LYS F . 2.56 5.97 -1.86
C1 GOL G . 9.28 2.64 -21.80
O1 GOL G . 8.05 1.93 -21.78
C2 GOL G . 9.11 4.15 -21.76
O2 GOL G . 8.08 4.50 -20.85
C3 GOL G . 10.40 4.92 -21.43
O3 GOL G . 10.17 6.07 -20.61
C1 GOL H . -7.04 -13.39 2.09
O1 GOL H . -7.19 -11.97 2.33
C2 GOL H . -5.65 -13.48 1.51
O2 GOL H . -4.75 -12.95 2.51
C3 GOL H . -5.25 -14.88 1.10
O3 GOL H . -4.07 -14.69 0.31
K K I . 18.36 -1.85 -19.08
#